data_4V0Z
#
_entry.id   4V0Z
#
_cell.length_a   83.063
_cell.length_b   81.375
_cell.length_c   109.942
_cell.angle_alpha   90.00
_cell.angle_beta   90.00
_cell.angle_gamma   90.00
#
_symmetry.space_group_name_H-M   'I 2 2 2'
#
loop_
_entity.id
_entity.type
_entity.pdbx_description
1 polymer 'CELLOBIOHYDROLASE CEL7A'
2 branched beta-D-glucopyranose-(1-4)-beta-D-glucopyranose
3 non-polymer 2-acetamido-2-deoxy-beta-D-glucopyranose
4 non-polymer 'COBALT (II) ION'
5 non-polymer GLYCEROL
6 non-polymer O-NITROPHENOL
7 non-polymer DI(HYDROXYETHYL)ETHER
8 water water
#
_entity_poly.entity_id   1
_entity_poly.type   'polypeptide(L)'
_entity_poly.pdbx_seq_one_letter_code
;(PCA)SACTLQSETHPPLTWQKCSSGGTCTQQTGSVVIDANWRWTHATNSSTNCYDGNTWSSTLCPDNETCAKNCCLDGA
AYASTYGVTTSGNSLSIGFVTQSAQKNVGARLYLMASDTTYQEFTLLGNEFSFDVDVSQLPCGLNGALYFVSMDADGGVS
KYPTNTAGAKYGTGYCDSQCPRDLKFINGQANVEGWEPSSNNANTGIGGHGSCCSEMDIWEANSISEALTPHPCTTVGQE
ICEGDGCGGTYSDNRYGGTCDPDGCDWNPYRLGNTSFYGPGSSFTLDTTKKLTVVTQFETSGAINRYYVQDGVTFQQPNA
ELGSYSGNELNDDYCTAEEAEFGGSSFSDKGGLTQFKKATSGGMVLVMSLWDDYYANMLWLDSTYPTNETSSTPGAVRGS
CSTSSGVPAQVESQSPNAKVTFSNIKFGPIGSTGNPSG
;
_entity_poly.pdbx_strand_id   A
#
# COMPACT_ATOMS: atom_id res chain seq x y z
N SER A 2 -5.34 18.52 -14.39
CA SER A 2 -5.12 18.05 -15.75
C SER A 2 -3.74 17.39 -15.90
N ALA A 3 -3.45 16.89 -17.08
CA ALA A 3 -2.13 16.35 -17.38
C ALA A 3 -1.35 17.27 -18.31
N CYS A 4 -0.09 17.45 -18.01
CA CYS A 4 0.85 18.14 -18.90
C CYS A 4 1.89 17.16 -19.43
N THR A 5 2.65 17.63 -20.44
CA THR A 5 3.53 16.74 -21.21
C THR A 5 4.93 17.33 -21.42
N LEU A 6 5.38 18.15 -20.47
CA LEU A 6 6.77 18.61 -20.48
C LEU A 6 7.73 17.44 -20.28
N GLN A 7 7.28 16.38 -19.61
CA GLN A 7 8.05 15.15 -19.39
C GLN A 7 7.14 14.01 -19.85
N SER A 8 7.66 13.14 -20.73
CA SER A 8 6.85 12.06 -21.28
C SER A 8 6.51 11.06 -20.18
N GLU A 9 5.37 10.40 -20.34
CA GLU A 9 4.90 9.38 -19.39
C GLU A 9 4.86 8.02 -20.11
N THR A 10 5.82 7.16 -19.80
CA THR A 10 5.86 5.81 -20.33
C THR A 10 5.86 4.85 -19.16
N HIS A 11 4.78 4.08 -19.04
CA HIS A 11 4.62 3.19 -17.89
C HIS A 11 5.50 1.98 -18.03
N PRO A 12 6.36 1.70 -17.05
CA PRO A 12 7.18 0.48 -17.15
C PRO A 12 6.30 -0.77 -17.31
N PRO A 13 6.56 -1.58 -18.36
N PRO A 13 6.59 -1.61 -18.32
CA PRO A 13 5.74 -2.78 -18.55
CA PRO A 13 5.71 -2.76 -18.54
C PRO A 13 5.90 -3.80 -17.42
C PRO A 13 5.92 -3.82 -17.46
N LEU A 14 4.86 -4.59 -17.20
CA LEU A 14 4.91 -5.66 -16.21
C LEU A 14 3.89 -6.71 -16.59
N THR A 15 4.34 -7.96 -16.67
CA THR A 15 3.44 -9.05 -17.00
C THR A 15 3.05 -9.77 -15.73
N TRP A 16 1.92 -10.46 -15.82
CA TRP A 16 1.41 -11.26 -14.71
C TRP A 16 0.64 -12.43 -15.33
N GLN A 17 0.32 -13.44 -14.53
CA GLN A 17 -0.39 -14.61 -15.03
C GLN A 17 -1.80 -14.64 -14.54
N LYS A 18 -2.75 -14.87 -15.45
CA LYS A 18 -4.13 -15.16 -15.06
C LYS A 18 -4.32 -16.66 -15.23
N CYS A 19 -4.64 -17.37 -14.13
CA CYS A 19 -4.76 -18.81 -14.17
C CYS A 19 -6.20 -19.24 -14.12
N SER A 20 -6.45 -20.45 -14.64
N SER A 20 -6.49 -20.42 -14.67
CA SER A 20 -7.79 -21.01 -14.84
CA SER A 20 -7.85 -20.92 -14.76
C SER A 20 -8.01 -22.19 -13.91
C SER A 20 -8.02 -22.16 -13.90
N SER A 21 -9.26 -22.47 -13.56
CA SER A 21 -9.57 -23.63 -12.73
C SER A 21 -9.16 -24.93 -13.45
N GLY A 22 -9.09 -24.89 -14.78
CA GLY A 22 -8.73 -26.08 -15.58
C GLY A 22 -7.26 -26.42 -15.66
N GLY A 23 -6.42 -25.64 -14.98
CA GLY A 23 -5.02 -26.03 -14.76
C GLY A 23 -3.99 -25.26 -15.56
N THR A 24 -4.43 -24.36 -16.44
CA THR A 24 -3.49 -23.58 -17.25
C THR A 24 -3.44 -22.13 -16.74
N CYS A 25 -2.38 -21.43 -17.13
CA CYS A 25 -2.24 -20.00 -16.88
C CYS A 25 -1.95 -19.31 -18.21
N THR A 26 -2.30 -18.03 -18.29
CA THR A 26 -2.17 -17.25 -19.51
C THR A 26 -1.51 -15.94 -19.13
N GLN A 27 -0.43 -15.60 -19.84
CA GLN A 27 0.25 -14.34 -19.58
C GLN A 27 -0.59 -13.13 -19.97
N GLN A 28 -0.57 -12.14 -19.09
CA GLN A 28 -1.23 -10.87 -19.30
C GLN A 28 -0.18 -9.80 -19.35
N THR A 29 -0.40 -8.77 -20.18
N THR A 29 -0.40 -8.78 -20.18
CA THR A 29 0.56 -7.66 -20.28
CA THR A 29 0.54 -7.68 -20.23
C THR A 29 0.01 -6.35 -19.76
C THR A 29 -0.11 -6.45 -19.65
N GLY A 30 0.55 -5.89 -18.65
CA GLY A 30 0.15 -4.64 -18.04
C GLY A 30 1.36 -3.74 -17.91
N SER A 31 1.27 -2.80 -16.97
CA SER A 31 2.36 -1.87 -16.71
C SER A 31 2.13 -1.31 -15.32
N VAL A 32 3.08 -0.52 -14.84
CA VAL A 32 2.89 0.19 -13.58
C VAL A 32 2.91 1.71 -13.77
N VAL A 33 2.16 2.41 -12.93
CA VAL A 33 2.11 3.88 -12.94
C VAL A 33 2.33 4.41 -11.53
N ILE A 34 3.10 5.51 -11.43
CA ILE A 34 3.39 6.09 -10.14
C ILE A 34 2.26 7.03 -9.70
N ASP A 35 1.95 6.98 -8.41
CA ASP A 35 0.93 7.82 -7.80
C ASP A 35 1.21 9.31 -8.03
N ALA A 36 0.14 10.07 -8.26
CA ALA A 36 0.21 11.50 -8.54
C ALA A 36 1.02 12.32 -7.53
N ASN A 37 1.03 11.90 -6.27
CA ASN A 37 1.77 12.66 -5.22
C ASN A 37 3.27 12.78 -5.47
N TRP A 38 3.83 11.81 -6.19
CA TRP A 38 5.25 11.80 -6.50
C TRP A 38 5.62 12.70 -7.66
N ARG A 39 4.62 13.17 -8.40
CA ARG A 39 4.85 13.91 -9.63
C ARG A 39 5.12 15.38 -9.42
N TRP A 40 5.75 15.97 -10.42
CA TRP A 40 5.80 17.41 -10.55
C TRP A 40 4.41 17.94 -10.86
N THR A 41 3.93 18.88 -10.05
CA THR A 41 2.66 19.54 -10.28
C THR A 41 2.98 21.00 -10.61
N HIS A 42 2.59 21.45 -11.79
CA HIS A 42 2.92 22.81 -12.24
C HIS A 42 1.77 23.47 -12.98
N ALA A 43 1.90 24.77 -13.20
CA ALA A 43 0.88 25.51 -13.92
C ALA A 43 0.67 24.96 -15.33
N THR A 44 -0.56 24.99 -15.81
CA THR A 44 -0.87 24.38 -17.10
C THR A 44 -0.12 25.01 -18.28
N ASN A 45 0.19 26.31 -18.19
CA ASN A 45 0.80 27.08 -19.26
CA ASN A 45 0.86 26.97 -19.30
C ASN A 45 2.22 27.57 -18.95
N SER A 46 2.88 27.00 -17.94
CA SER A 46 4.25 27.36 -17.63
C SER A 46 4.93 26.26 -16.82
N SER A 47 6.19 26.48 -16.47
N SER A 47 6.19 26.48 -16.47
CA SER A 47 6.93 25.56 -15.61
CA SER A 47 6.92 25.55 -15.61
C SER A 47 6.85 25.93 -14.12
C SER A 47 6.86 25.93 -14.13
N THR A 48 6.03 26.91 -13.78
CA THR A 48 5.92 27.36 -12.38
C THR A 48 5.26 26.25 -11.55
N ASN A 49 5.91 25.86 -10.45
N ASN A 49 5.91 25.88 -10.44
CA ASN A 49 5.38 24.81 -9.58
CA ASN A 49 5.39 24.83 -9.57
C ASN A 49 4.10 25.25 -8.87
C ASN A 49 4.08 25.26 -8.89
N CYS A 50 3.13 24.34 -8.79
CA CYS A 50 1.94 24.54 -7.98
C CYS A 50 2.22 24.12 -6.55
N TYR A 51 3.16 23.20 -6.41
CA TYR A 51 3.57 22.67 -5.13
C TYR A 51 5.08 22.53 -5.18
N ASP A 52 5.73 22.92 -4.09
CA ASP A 52 7.19 22.86 -4.03
C ASP A 52 7.64 22.71 -2.59
N GLY A 53 8.59 21.82 -2.36
CA GLY A 53 8.97 21.44 -0.99
C GLY A 53 7.75 20.84 -0.31
N ASN A 54 7.24 21.51 0.72
CA ASN A 54 6.01 21.05 1.35
C ASN A 54 4.91 22.09 1.46
N THR A 55 4.93 23.05 0.55
N THR A 55 4.91 23.07 0.55
CA THR A 55 3.95 24.15 0.54
CA THR A 55 3.89 24.11 0.55
C THR A 55 3.39 24.32 -0.87
C THR A 55 3.38 24.30 -0.86
N TRP A 56 2.18 24.85 -0.94
CA TRP A 56 1.55 25.15 -2.20
C TRP A 56 1.83 26.59 -2.61
N SER A 57 1.81 26.81 -3.93
CA SER A 57 1.79 28.15 -4.47
C SER A 57 0.51 28.85 -4.02
N SER A 58 0.64 29.92 -3.23
CA SER A 58 -0.53 30.62 -2.74
C SER A 58 -1.27 31.39 -3.85
N THR A 59 -0.59 31.69 -4.95
CA THR A 59 -1.20 32.42 -6.07
C THR A 59 -1.89 31.48 -7.06
N LEU A 60 -1.25 30.36 -7.39
CA LEU A 60 -1.87 29.39 -8.29
C LEU A 60 -2.96 28.61 -7.55
N CYS A 61 -2.78 28.44 -6.25
CA CYS A 61 -3.64 27.55 -5.47
C CYS A 61 -4.22 28.24 -4.24
N PRO A 62 -5.08 29.27 -4.46
CA PRO A 62 -5.70 29.97 -3.34
C PRO A 62 -6.84 29.19 -2.70
N ASP A 63 -7.38 28.23 -3.44
CA ASP A 63 -8.42 27.35 -2.91
C ASP A 63 -8.35 26.07 -3.73
N ASN A 64 -9.07 25.05 -3.28
CA ASN A 64 -8.95 23.71 -3.89
C ASN A 64 -9.37 23.66 -5.35
N GLU A 65 -10.40 24.41 -5.69
CA GLU A 65 -10.96 24.37 -7.04
C GLU A 65 -10.10 25.14 -8.02
N THR A 66 -9.68 26.33 -7.63
CA THR A 66 -8.85 27.16 -8.51
C THR A 66 -7.50 26.46 -8.76
N CYS A 67 -6.97 25.83 -7.71
CA CYS A 67 -5.72 25.10 -7.81
C CYS A 67 -5.81 24.01 -8.88
N ALA A 68 -6.87 23.19 -8.82
CA ALA A 68 -7.01 22.12 -9.80
C ALA A 68 -7.18 22.65 -11.22
N LYS A 69 -7.87 23.78 -11.37
CA LYS A 69 -8.08 24.42 -12.68
CA LYS A 69 -8.06 24.37 -12.69
C LYS A 69 -6.76 24.92 -13.24
N ASN A 70 -5.90 25.46 -12.36
CA ASN A 70 -4.64 26.05 -12.78
C ASN A 70 -3.49 25.07 -12.96
N CYS A 71 -3.64 23.85 -12.45
CA CYS A 71 -2.49 22.97 -12.26
C CYS A 71 -2.62 21.63 -12.97
N CYS A 72 -1.48 21.09 -13.37
CA CYS A 72 -1.44 19.78 -13.99
C CYS A 72 -0.35 18.92 -13.39
N LEU A 73 -0.51 17.62 -13.58
CA LEU A 73 0.48 16.63 -13.24
C LEU A 73 1.32 16.33 -14.48
N ASP A 74 2.63 16.14 -14.32
CA ASP A 74 3.48 15.82 -15.47
C ASP A 74 4.04 14.40 -15.41
N GLY A 75 4.79 14.05 -16.44
CA GLY A 75 5.34 12.70 -16.57
C GLY A 75 6.46 12.41 -15.61
N ALA A 76 6.77 11.12 -15.48
CA ALA A 76 7.73 10.57 -14.52
C ALA A 76 8.85 9.84 -15.24
N ALA A 77 10.09 10.16 -14.86
CA ALA A 77 11.25 9.36 -15.29
C ALA A 77 11.43 8.24 -14.27
N TYR A 78 10.86 7.08 -14.57
CA TYR A 78 10.67 6.03 -13.57
C TYR A 78 11.98 5.55 -12.97
N ALA A 79 12.95 5.25 -13.83
CA ALA A 79 14.23 4.76 -13.32
C ALA A 79 15.10 5.83 -12.67
N SER A 80 15.31 6.92 -13.40
N SER A 80 15.30 6.91 -13.42
CA SER A 80 16.29 7.92 -12.99
CA SER A 80 16.23 7.97 -13.05
C SER A 80 15.82 8.82 -11.85
C SER A 80 15.80 8.76 -11.83
N THR A 81 14.52 9.13 -11.79
CA THR A 81 13.99 9.94 -10.70
C THR A 81 13.49 9.09 -9.56
N TYR A 82 12.75 8.01 -9.87
CA TYR A 82 12.03 7.26 -8.84
C TYR A 82 12.60 5.88 -8.47
N GLY A 83 13.67 5.44 -9.14
CA GLY A 83 14.25 4.14 -8.82
C GLY A 83 13.32 2.96 -9.04
N VAL A 84 12.43 3.11 -10.03
CA VAL A 84 11.48 2.09 -10.39
C VAL A 84 11.88 1.47 -11.72
N THR A 85 12.09 0.16 -11.71
CA THR A 85 12.42 -0.57 -12.93
C THR A 85 11.58 -1.83 -13.03
N THR A 86 11.36 -2.29 -14.25
CA THR A 86 10.73 -3.57 -14.46
C THR A 86 11.50 -4.39 -15.47
N SER A 87 11.30 -5.70 -15.39
CA SER A 87 11.81 -6.63 -16.40
C SER A 87 10.89 -7.84 -16.41
N GLY A 88 10.11 -7.99 -17.47
CA GLY A 88 9.20 -9.12 -17.60
C GLY A 88 8.14 -9.10 -16.53
N ASN A 89 8.19 -10.09 -15.63
CA ASN A 89 7.23 -10.17 -14.52
C ASN A 89 7.77 -9.60 -13.22
N SER A 90 8.92 -8.91 -13.27
CA SER A 90 9.57 -8.42 -12.06
C SER A 90 9.55 -6.89 -11.98
N LEU A 91 9.28 -6.40 -10.78
CA LEU A 91 9.27 -4.96 -10.48
C LEU A 91 10.22 -4.72 -9.33
N SER A 92 11.18 -3.80 -9.50
CA SER A 92 12.06 -3.40 -8.41
C SER A 92 11.80 -1.93 -8.05
N ILE A 93 11.74 -1.66 -6.75
CA ILE A 93 11.55 -0.31 -6.23
C ILE A 93 12.71 0.00 -5.30
N GLY A 94 13.51 1.01 -5.66
CA GLY A 94 14.64 1.45 -4.85
C GLY A 94 14.14 2.37 -3.76
N PHE A 95 14.94 2.57 -2.74
CA PHE A 95 14.52 3.33 -1.58
C PHE A 95 14.82 4.80 -1.78
N VAL A 96 16.09 5.18 -1.75
CA VAL A 96 16.47 6.55 -2.02
C VAL A 96 17.07 6.62 -3.42
N THR A 97 16.58 7.54 -4.25
CA THR A 97 17.11 7.77 -5.59
C THR A 97 17.50 9.22 -5.71
N GLN A 98 18.76 9.45 -6.05
CA GLN A 98 19.29 10.79 -6.21
C GLN A 98 19.37 11.11 -7.71
N SER A 99 18.68 12.17 -8.10
CA SER A 99 18.80 12.73 -9.44
C SER A 99 19.08 14.22 -9.23
N ALA A 100 18.37 15.13 -9.92
CA ALA A 100 18.43 16.55 -9.56
C ALA A 100 17.98 16.78 -8.13
N GLN A 101 17.05 15.95 -7.64
CA GLN A 101 16.62 16.01 -6.24
CA GLN A 101 16.59 15.99 -6.25
C GLN A 101 16.68 14.59 -5.64
N LYS A 102 16.42 14.51 -4.34
CA LYS A 102 16.32 13.26 -3.61
C LYS A 102 14.86 12.78 -3.61
N ASN A 103 14.63 11.54 -4.00
CA ASN A 103 13.32 10.90 -3.93
C ASN A 103 13.39 9.76 -2.97
N VAL A 104 12.33 9.58 -2.18
CA VAL A 104 12.22 8.43 -1.28
C VAL A 104 11.01 7.58 -1.64
N GLY A 105 11.28 6.35 -2.09
CA GLY A 105 10.24 5.37 -2.31
C GLY A 105 9.29 5.71 -3.45
N ALA A 106 8.22 4.93 -3.53
CA ALA A 106 7.26 5.05 -4.61
C ALA A 106 6.02 4.27 -4.22
N ARG A 107 4.88 4.69 -4.77
CA ARG A 107 3.62 3.94 -4.70
C ARG A 107 3.16 3.80 -6.15
N LEU A 108 2.95 2.55 -6.57
CA LEU A 108 2.67 2.18 -7.95
C LEU A 108 1.39 1.38 -8.07
N TYR A 109 0.66 1.56 -9.19
CA TYR A 109 -0.56 0.80 -9.47
C TYR A 109 -0.37 -0.02 -10.73
N LEU A 110 -0.92 -1.23 -10.74
CA LEU A 110 -0.91 -2.05 -11.92
C LEU A 110 -2.00 -1.59 -12.88
N MET A 111 -1.59 -1.34 -14.12
CA MET A 111 -2.51 -0.87 -15.16
CA MET A 111 -2.48 -0.87 -15.17
C MET A 111 -2.99 -2.00 -16.04
N ALA A 112 -4.18 -1.80 -16.60
CA ALA A 112 -4.73 -2.67 -17.64
C ALA A 112 -4.45 -2.16 -19.06
N SER A 113 -4.38 -0.85 -19.19
CA SER A 113 -4.10 -0.17 -20.46
C SER A 113 -3.31 1.04 -20.06
N ASP A 114 -2.92 1.84 -21.03
N ASP A 114 -2.87 1.85 -21.01
CA ASP A 114 -2.15 3.03 -20.75
CA ASP A 114 -2.08 3.00 -20.65
C ASP A 114 -2.91 4.05 -19.90
C ASP A 114 -2.92 4.13 -20.00
N THR A 115 -4.24 3.93 -19.89
CA THR A 115 -5.10 4.91 -19.24
C THR A 115 -6.07 4.35 -18.19
N THR A 116 -5.95 3.07 -17.83
CA THR A 116 -6.85 2.49 -16.85
C THR A 116 -6.12 1.52 -15.91
N TYR A 117 -6.62 1.44 -14.67
CA TYR A 117 -6.12 0.46 -13.71
C TYR A 117 -6.71 -0.93 -13.95
N GLN A 118 -5.90 -1.95 -13.65
CA GLN A 118 -6.37 -3.32 -13.61
C GLN A 118 -7.22 -3.54 -12.36
N GLU A 119 -8.40 -4.12 -12.49
N GLU A 119 -8.35 -4.20 -12.52
CA GLU A 119 -9.21 -4.44 -11.31
CA GLU A 119 -9.16 -4.57 -11.40
C GLU A 119 -9.26 -5.96 -11.13
C GLU A 119 -9.01 -6.05 -11.14
N PHE A 120 -9.13 -6.41 -9.88
CA PHE A 120 -9.17 -7.81 -9.47
C PHE A 120 -10.34 -7.98 -8.52
N THR A 121 -11.13 -9.02 -8.74
CA THR A 121 -12.16 -9.45 -7.79
C THR A 121 -11.56 -10.57 -6.97
N LEU A 122 -11.24 -10.27 -5.72
CA LEU A 122 -10.52 -11.23 -4.89
C LEU A 122 -11.36 -12.39 -4.40
N LEU A 123 -12.64 -12.17 -4.10
CA LEU A 123 -13.46 -13.23 -3.49
C LEU A 123 -13.57 -14.45 -4.41
N GLY A 124 -13.26 -15.63 -3.86
CA GLY A 124 -13.29 -16.86 -4.63
C GLY A 124 -11.95 -17.16 -5.28
N ASN A 125 -11.05 -16.20 -5.23
CA ASN A 125 -9.79 -16.31 -5.96
C ASN A 125 -8.60 -16.27 -5.04
N GLU A 126 -7.42 -16.45 -5.62
CA GLU A 126 -6.18 -16.35 -4.89
C GLU A 126 -5.17 -15.54 -5.69
N PHE A 127 -4.24 -14.95 -4.95
CA PHE A 127 -3.23 -14.09 -5.50
C PHE A 127 -1.89 -14.59 -4.98
N SER A 128 -0.97 -14.84 -5.91
CA SER A 128 0.38 -15.30 -5.60
C SER A 128 1.42 -14.31 -6.12
N PHE A 129 2.51 -14.14 -5.37
CA PHE A 129 3.64 -13.37 -5.86
C PHE A 129 4.90 -13.86 -5.19
N ASP A 130 6.02 -13.58 -5.84
CA ASP A 130 7.34 -13.77 -5.30
C ASP A 130 7.87 -12.42 -4.80
N VAL A 131 8.63 -12.46 -3.73
CA VAL A 131 9.21 -11.24 -3.19
C VAL A 131 10.61 -11.50 -2.67
N ASP A 132 11.47 -10.53 -2.88
CA ASP A 132 12.81 -10.54 -2.30
C ASP A 132 12.84 -9.34 -1.37
N VAL A 133 12.83 -9.62 -0.06
CA VAL A 133 12.90 -8.59 0.97
C VAL A 133 14.29 -8.48 1.60
N SER A 134 15.29 -9.14 1.02
CA SER A 134 16.59 -9.25 1.67
C SER A 134 17.26 -7.90 1.90
N GLN A 135 16.92 -6.91 1.09
CA GLN A 135 17.52 -5.59 1.19
CA GLN A 135 17.54 -5.59 1.23
C GLN A 135 16.59 -4.59 1.87
N LEU A 136 15.65 -5.10 2.68
CA LEU A 136 14.76 -4.26 3.48
C LEU A 136 15.09 -4.42 4.97
N PRO A 137 15.83 -3.46 5.53
CA PRO A 137 16.12 -3.51 6.96
C PRO A 137 14.96 -2.98 7.82
N CYS A 138 15.14 -3.04 9.13
CA CYS A 138 14.23 -2.42 10.07
C CYS A 138 13.82 -1.04 9.60
N GLY A 139 12.54 -0.70 9.76
CA GLY A 139 12.04 0.62 9.41
C GLY A 139 11.52 0.81 8.01
N LEU A 140 11.67 -0.21 7.16
CA LEU A 140 11.17 -0.12 5.79
C LEU A 140 9.96 -1.02 5.63
N ASN A 141 9.13 -0.70 4.65
CA ASN A 141 7.95 -1.49 4.34
C ASN A 141 7.82 -1.59 2.82
N GLY A 142 8.06 -2.79 2.30
CA GLY A 142 7.72 -3.10 0.92
C GLY A 142 6.33 -3.69 0.95
N ALA A 143 5.37 -2.95 0.41
CA ALA A 143 3.98 -3.33 0.55
C ALA A 143 3.35 -3.71 -0.79
N LEU A 144 2.54 -4.76 -0.73
CA LEU A 144 1.72 -5.19 -1.86
C LEU A 144 0.33 -5.33 -1.31
N TYR A 145 -0.61 -4.60 -1.90
CA TYR A 145 -1.94 -4.54 -1.34
C TYR A 145 -2.97 -4.13 -2.36
N PHE A 146 -4.23 -4.20 -1.98
CA PHE A 146 -5.32 -3.85 -2.84
C PHE A 146 -6.16 -2.77 -2.19
N VAL A 147 -6.70 -1.88 -3.01
CA VAL A 147 -7.63 -0.87 -2.53
C VAL A 147 -8.79 -0.67 -3.50
N SER A 148 -9.94 -0.26 -2.97
CA SER A 148 -11.15 -0.11 -3.78
C SER A 148 -11.19 1.23 -4.51
N MET A 149 -10.22 1.43 -5.39
CA MET A 149 -10.12 2.59 -6.27
C MET A 149 -10.95 2.39 -7.53
N ASP A 150 -11.34 3.52 -8.15
CA ASP A 150 -11.99 3.50 -9.46
C ASP A 150 -10.99 3.17 -10.55
N ALA A 151 -11.40 2.39 -11.54
CA ALA A 151 -10.50 1.99 -12.64
C ALA A 151 -9.95 3.15 -13.48
N ASP A 152 -10.68 4.26 -13.49
CA ASP A 152 -10.25 5.44 -14.26
C ASP A 152 -9.54 6.48 -13.39
N GLY A 153 -9.32 6.15 -12.12
CA GLY A 153 -8.67 7.11 -11.21
C GLY A 153 -9.53 8.30 -10.81
N GLY A 154 -10.84 8.18 -11.05
CA GLY A 154 -11.83 9.17 -10.59
C GLY A 154 -12.37 10.10 -11.66
N VAL A 155 -11.92 9.96 -12.90
CA VAL A 155 -12.28 10.89 -13.96
C VAL A 155 -13.79 10.97 -14.20
N SER A 156 -14.48 9.84 -14.18
CA SER A 156 -15.89 9.83 -14.54
C SER A 156 -16.74 10.53 -13.48
N LYS A 157 -16.28 10.54 -12.25
CA LYS A 157 -16.99 11.17 -11.15
C LYS A 157 -16.67 12.65 -10.96
N TYR A 158 -15.43 13.03 -11.30
N TYR A 158 -15.43 13.02 -11.29
CA TYR A 158 -14.95 14.37 -11.04
CA TYR A 158 -14.90 14.35 -11.02
C TYR A 158 -14.28 14.94 -12.28
C TYR A 158 -14.28 14.92 -12.29
N PRO A 159 -15.08 15.64 -13.09
CA PRO A 159 -14.79 16.30 -14.37
CA PRO A 159 -14.67 16.11 -14.40
C PRO A 159 -13.46 17.04 -14.41
N THR A 160 -13.13 17.66 -13.28
CA THR A 160 -11.93 18.49 -13.15
C THR A 160 -10.65 17.68 -12.94
N ASN A 161 -10.79 16.36 -12.74
CA ASN A 161 -9.66 15.45 -12.93
C ASN A 161 -9.67 14.94 -14.35
N THR A 162 -8.78 15.44 -15.19
CA THR A 162 -8.64 14.89 -16.54
C THR A 162 -7.33 14.13 -16.73
N ALA A 163 -6.50 14.07 -15.69
CA ALA A 163 -5.23 13.33 -15.76
C ALA A 163 -5.46 11.84 -15.66
N GLY A 164 -6.28 11.44 -14.69
CA GLY A 164 -6.70 10.05 -14.53
C GLY A 164 -5.64 9.04 -14.11
N ALA A 165 -6.01 7.77 -14.30
CA ALA A 165 -5.14 6.62 -13.99
C ALA A 165 -3.79 6.68 -14.72
N LYS A 166 -3.74 7.27 -15.91
CA LYS A 166 -2.48 7.42 -16.63
C LYS A 166 -1.43 8.18 -15.82
N TYR A 167 -1.89 9.07 -14.93
CA TYR A 167 -1.03 9.87 -14.07
C TYR A 167 -1.21 9.50 -12.59
N GLY A 168 -1.81 8.35 -12.32
CA GLY A 168 -1.84 7.83 -10.96
C GLY A 168 -2.76 8.57 -10.02
N THR A 169 -3.88 9.07 -10.53
CA THR A 169 -4.86 9.74 -9.66
C THR A 169 -5.80 8.74 -8.97
N GLY A 170 -6.52 9.25 -8.00
CA GLY A 170 -7.62 8.54 -7.40
C GLY A 170 -7.32 7.64 -6.23
N TYR A 171 -6.12 7.73 -5.66
CA TYR A 171 -5.78 6.87 -4.53
C TYR A 171 -6.73 7.03 -3.33
N CYS A 172 -6.92 5.93 -2.63
CA CYS A 172 -7.61 5.91 -1.35
C CYS A 172 -7.10 4.70 -0.63
N ASP A 173 -7.17 4.73 0.70
CA ASP A 173 -6.95 3.55 1.52
C ASP A 173 -7.62 3.71 2.87
N SER A 174 -7.37 2.78 3.77
CA SER A 174 -8.12 2.74 5.03
C SER A 174 -7.61 3.75 6.06
N GLN A 175 -6.50 4.44 5.75
CA GLN A 175 -6.06 5.59 6.53
C GLN A 175 -6.84 6.84 6.17
N CYS A 176 -7.69 6.76 5.14
CA CYS A 176 -8.33 7.96 4.59
C CYS A 176 -7.29 9.07 4.43
N PRO A 177 -6.21 8.79 3.69
CA PRO A 177 -5.02 9.66 3.70
C PRO A 177 -5.27 11.14 3.35
N ARG A 178 -4.79 12.02 4.22
CA ARG A 178 -4.91 13.45 4.04
C ARG A 178 -3.64 14.08 3.45
N ASP A 179 -2.60 13.26 3.21
CA ASP A 179 -1.36 13.74 2.60
CA ASP A 179 -1.36 13.76 2.60
C ASP A 179 -1.45 13.88 1.09
N LEU A 180 -2.56 13.41 0.51
CA LEU A 180 -2.76 13.50 -0.94
C LEU A 180 -2.94 14.94 -1.40
N LYS A 181 -2.29 15.30 -2.50
CA LYS A 181 -2.38 16.67 -3.02
C LYS A 181 -3.63 16.92 -3.82
N PHE A 182 -4.16 15.87 -4.45
CA PHE A 182 -5.43 15.96 -5.19
C PHE A 182 -6.36 14.85 -4.76
N ILE A 183 -7.60 15.24 -4.45
CA ILE A 183 -8.69 14.32 -4.11
C ILE A 183 -9.97 14.82 -4.82
N ASN A 184 -10.66 13.91 -5.51
CA ASN A 184 -11.93 14.22 -6.18
C ASN A 184 -11.82 15.40 -7.16
N GLY A 185 -10.73 15.46 -7.91
CA GLY A 185 -10.61 16.47 -8.94
C GLY A 185 -10.33 17.87 -8.41
N GLN A 186 -10.04 17.96 -7.11
CA GLN A 186 -9.70 19.23 -6.51
C GLN A 186 -8.39 19.07 -5.77
N ALA A 187 -7.67 20.16 -5.56
CA ALA A 187 -6.49 20.10 -4.74
C ALA A 187 -6.86 19.95 -3.28
N ASN A 188 -5.84 19.85 -2.45
CA ASN A 188 -6.00 19.69 -1.00
C ASN A 188 -5.26 20.79 -0.26
N VAL A 189 -5.15 21.95 -0.90
CA VAL A 189 -4.43 23.10 -0.33
C VAL A 189 -5.15 23.70 0.89
N GLU A 190 -6.47 23.65 0.87
CA GLU A 190 -7.25 24.17 2.01
C GLU A 190 -6.94 23.37 3.27
N GLY A 191 -6.53 24.08 4.33
CA GLY A 191 -6.11 23.45 5.60
C GLY A 191 -4.74 22.77 5.56
N TRP A 192 -3.97 22.94 4.49
CA TRP A 192 -2.66 22.27 4.38
C TRP A 192 -1.70 22.70 5.48
N GLU A 193 -1.09 21.70 6.12
CA GLU A 193 -0.06 21.89 7.14
C GLU A 193 1.17 21.12 6.73
N PRO A 194 2.28 21.82 6.48
CA PRO A 194 3.48 21.05 6.11
C PRO A 194 3.94 20.15 7.26
N SER A 195 4.56 19.03 6.91
CA SER A 195 5.10 18.13 7.91
C SER A 195 6.29 18.80 8.58
N SER A 196 6.40 18.66 9.90
N SER A 196 6.41 18.65 9.89
CA SER A 196 7.54 19.20 10.62
CA SER A 196 7.54 19.23 10.61
C SER A 196 8.85 18.47 10.28
C SER A 196 8.84 18.41 10.45
N ASN A 197 8.74 17.17 9.98
CA ASN A 197 9.92 16.31 9.78
C ASN A 197 10.16 15.78 8.36
N ASN A 198 9.37 16.24 7.39
CA ASN A 198 9.51 15.81 6.02
C ASN A 198 9.41 17.02 5.12
N ALA A 199 10.50 17.33 4.42
CA ALA A 199 10.58 18.51 3.58
C ALA A 199 9.65 18.45 2.36
N ASN A 200 9.10 17.28 2.04
CA ASN A 200 8.27 17.12 0.85
C ASN A 200 6.78 16.90 1.07
N THR A 201 6.35 16.79 2.32
CA THR A 201 4.98 16.36 2.57
C THR A 201 4.23 17.25 3.55
N GLY A 202 2.92 17.05 3.55
CA GLY A 202 2.05 17.70 4.51
C GLY A 202 0.73 16.97 4.67
N ILE A 203 -0.22 17.66 5.30
CA ILE A 203 -1.54 17.09 5.59
C ILE A 203 -2.57 18.18 5.26
N GLY A 204 -3.54 17.86 4.41
CA GLY A 204 -4.58 18.81 4.00
C GLY A 204 -5.89 18.59 4.73
N GLY A 205 -6.87 19.41 4.39
CA GLY A 205 -8.17 19.39 5.05
C GLY A 205 -9.09 18.25 4.64
N HIS A 206 -8.70 17.53 3.58
N HIS A 206 -8.73 17.52 3.59
CA HIS A 206 -9.48 16.41 3.06
CA HIS A 206 -9.52 16.35 3.22
C HIS A 206 -8.64 15.14 3.03
C HIS A 206 -8.66 15.14 3.02
N GLY A 207 -9.31 13.98 3.07
CA GLY A 207 -8.68 12.69 2.87
C GLY A 207 -9.49 11.83 1.92
N SER A 208 -8.95 10.66 1.58
CA SER A 208 -9.56 9.80 0.58
C SER A 208 -9.62 8.37 1.12
N CYS A 209 -10.83 7.99 1.51
CA CYS A 209 -11.10 6.72 2.16
C CYS A 209 -11.49 5.63 1.16
N CYS A 210 -11.02 4.43 1.42
CA CYS A 210 -11.67 3.22 0.86
C CYS A 210 -11.11 1.94 1.49
N SER A 211 -11.80 0.84 1.23
CA SER A 211 -11.43 -0.46 1.75
C SER A 211 -10.03 -0.82 1.27
N GLU A 212 -9.32 -1.57 2.10
CA GLU A 212 -7.92 -1.90 1.85
C GLU A 212 -7.58 -3.31 2.28
N MET A 213 -7.01 -4.09 1.37
CA MET A 213 -6.56 -5.43 1.69
C MET A 213 -5.02 -5.46 1.66
N ASP A 214 -4.40 -5.47 2.82
CA ASP A 214 -2.94 -5.51 2.87
C ASP A 214 -2.49 -6.96 2.79
N ILE A 215 -2.20 -7.42 1.58
CA ILE A 215 -1.70 -8.78 1.41
C ILE A 215 -0.35 -8.88 2.13
N TRP A 216 0.47 -7.84 1.99
CA TRP A 216 1.87 -7.91 2.35
C TRP A 216 2.39 -6.54 2.77
N GLU A 217 2.70 -6.39 4.07
CA GLU A 217 3.46 -5.25 4.57
C GLU A 217 4.61 -5.89 5.28
N ALA A 218 5.83 -5.66 4.81
CA ALA A 218 6.95 -6.47 5.28
C ALA A 218 8.32 -5.89 5.00
N ASN A 219 9.27 -6.37 5.77
CA ASN A 219 10.66 -6.19 5.49
C ASN A 219 11.37 -7.50 5.79
N SER A 220 12.70 -7.49 5.93
CA SER A 220 13.42 -8.73 6.23
C SER A 220 13.18 -9.27 7.63
N ILE A 221 12.54 -8.49 8.52
CA ILE A 221 12.34 -8.88 9.91
C ILE A 221 10.92 -9.34 10.25
N SER A 222 9.92 -8.61 9.75
CA SER A 222 8.52 -8.93 10.02
C SER A 222 7.64 -8.75 8.78
N GLU A 223 6.50 -9.43 8.81
CA GLU A 223 5.51 -9.37 7.71
C GLU A 223 4.12 -9.49 8.30
N ALA A 224 3.16 -8.80 7.69
CA ALA A 224 1.79 -8.78 8.19
C ALA A 224 0.78 -8.83 7.05
N LEU A 225 -0.33 -9.53 7.31
CA LEU A 225 -1.46 -9.71 6.42
C LEU A 225 -2.68 -9.10 7.09
N THR A 226 -3.32 -8.10 6.46
CA THR A 226 -4.34 -7.31 7.16
C THR A 226 -5.48 -6.80 6.26
N PRO A 227 -6.70 -7.33 6.42
CA PRO A 227 -7.88 -6.68 5.83
C PRO A 227 -8.38 -5.49 6.66
N HIS A 228 -8.79 -4.42 5.98
CA HIS A 228 -9.33 -3.20 6.61
C HIS A 228 -10.70 -2.84 5.98
N PRO A 229 -11.79 -2.93 6.76
CA PRO A 229 -13.10 -2.53 6.23
C PRO A 229 -13.36 -1.04 6.40
N CYS A 230 -14.24 -0.50 5.55
CA CYS A 230 -14.78 0.84 5.70
C CYS A 230 -16.29 0.76 5.59
N THR A 231 -16.97 1.71 6.21
CA THR A 231 -18.44 1.75 6.20
C THR A 231 -18.99 2.03 4.79
N THR A 232 -18.23 2.78 3.98
CA THR A 232 -18.47 2.87 2.56
C THR A 232 -17.34 2.07 1.89
N VAL A 233 -17.68 1.14 1.01
CA VAL A 233 -16.67 0.24 0.45
C VAL A 233 -15.64 0.96 -0.41
N GLY A 234 -16.13 1.77 -1.34
CA GLY A 234 -15.28 2.42 -2.33
C GLY A 234 -14.80 3.80 -1.95
N GLN A 235 -14.21 4.47 -2.93
CA GLN A 235 -13.54 5.73 -2.70
C GLN A 235 -14.51 6.82 -2.28
N GLU A 236 -14.13 7.53 -1.23
CA GLU A 236 -14.98 8.57 -0.65
C GLU A 236 -14.14 9.60 0.06
N ILE A 237 -14.40 10.88 -0.22
CA ILE A 237 -13.69 11.95 0.48
C ILE A 237 -14.16 12.06 1.94
N CYS A 238 -13.24 12.48 2.81
CA CYS A 238 -13.55 12.75 4.21
C CYS A 238 -13.02 14.12 4.59
N GLU A 239 -13.57 14.67 5.67
CA GLU A 239 -13.27 16.02 6.12
C GLU A 239 -12.46 16.01 7.39
N GLY A 240 -11.25 16.56 7.31
CA GLY A 240 -10.40 16.79 8.47
C GLY A 240 -10.24 15.59 9.36
N ASP A 241 -10.39 15.80 10.66
CA ASP A 241 -10.16 14.75 11.63
C ASP A 241 -11.17 13.60 11.55
N GLY A 242 -12.30 13.81 10.89
CA GLY A 242 -13.24 12.73 10.56
C GLY A 242 -12.60 11.61 9.74
N CYS A 243 -11.53 11.94 9.01
CA CYS A 243 -10.76 10.94 8.28
C CYS A 243 -10.09 9.91 9.17
N GLY A 244 -9.76 10.29 10.41
CA GLY A 244 -8.92 9.45 11.22
C GLY A 244 -7.61 9.11 10.52
N GLY A 245 -7.10 7.92 10.77
CA GLY A 245 -5.86 7.45 10.18
C GLY A 245 -4.61 8.08 10.76
N THR A 246 -3.48 7.67 10.21
CA THR A 246 -2.19 8.20 10.60
C THR A 246 -2.12 9.73 10.57
N TYR A 247 -2.86 10.34 9.64
CA TYR A 247 -2.73 11.77 9.35
C TYR A 247 -3.64 12.65 10.20
N SER A 248 -4.40 12.07 11.14
CA SER A 248 -5.24 12.85 12.04
C SER A 248 -4.78 12.63 13.49
N ASP A 249 -5.05 13.59 14.37
CA ASP A 249 -4.67 13.44 15.77
C ASP A 249 -5.36 12.24 16.44
N ASN A 250 -6.62 12.01 16.08
CA ASN A 250 -7.34 10.82 16.49
C ASN A 250 -7.36 9.85 15.32
N ARG A 251 -6.76 8.70 15.53
CA ARG A 251 -6.60 7.69 14.49
C ARG A 251 -7.93 7.07 14.09
N TYR A 252 -8.91 7.08 15.00
CA TYR A 252 -10.15 6.34 14.79
C TYR A 252 -11.25 7.29 14.32
N GLY A 253 -11.38 7.35 13.00
CA GLY A 253 -12.29 8.28 12.33
C GLY A 253 -13.63 7.65 12.05
N GLY A 254 -14.39 8.25 11.16
CA GLY A 254 -15.80 7.95 11.05
C GLY A 254 -16.16 6.81 10.11
N THR A 255 -15.29 6.51 9.15
CA THR A 255 -15.67 5.54 8.14
C THR A 255 -14.74 4.35 7.97
N CYS A 256 -13.42 4.52 8.09
CA CYS A 256 -12.53 3.37 7.87
C CYS A 256 -11.85 2.86 9.13
N ASP A 257 -11.45 1.59 9.09
CA ASP A 257 -10.64 0.97 10.14
C ASP A 257 -9.17 1.01 9.73
N PRO A 258 -8.37 1.87 10.38
CA PRO A 258 -6.95 2.03 9.98
C PRO A 258 -6.02 0.99 10.58
N ASP A 259 -6.54 0.12 11.43
CA ASP A 259 -5.72 -0.91 12.08
C ASP A 259 -5.88 -2.26 11.39
N GLY A 260 -7.12 -2.68 11.17
CA GLY A 260 -7.40 -3.93 10.49
C GLY A 260 -7.34 -5.12 11.42
N CYS A 261 -7.68 -6.27 10.87
CA CYS A 261 -7.51 -7.53 11.56
C CYS A 261 -6.20 -8.13 11.08
N ASP A 262 -5.10 -7.73 11.73
CA ASP A 262 -3.77 -8.06 11.23
C ASP A 262 -3.28 -9.40 11.73
N TRP A 263 -2.49 -10.07 10.88
CA TRP A 263 -1.89 -11.33 11.20
C TRP A 263 -0.40 -11.21 10.90
N ASN A 264 0.38 -11.15 11.97
CA ASN A 264 1.83 -11.10 11.92
C ASN A 264 2.31 -12.27 12.74
N PRO A 265 2.94 -13.25 12.10
CA PRO A 265 3.26 -14.46 12.87
C PRO A 265 4.15 -14.24 14.09
N TYR A 266 5.06 -13.27 14.00
CA TYR A 266 5.92 -12.90 15.11
C TYR A 266 5.08 -12.36 16.26
N ARG A 267 4.18 -11.45 15.93
CA ARG A 267 3.29 -10.83 16.93
C ARG A 267 2.45 -11.88 17.66
N LEU A 268 2.07 -12.92 16.92
CA LEU A 268 1.25 -14.00 17.45
C LEU A 268 2.08 -15.07 18.19
N GLY A 269 3.40 -14.93 18.25
CA GLY A 269 4.22 -15.74 19.15
C GLY A 269 5.25 -16.61 18.46
N ASN A 270 5.16 -16.73 17.14
CA ASN A 270 6.13 -17.56 16.43
C ASN A 270 7.27 -16.70 15.91
N THR A 271 8.28 -16.54 16.75
CA THR A 271 9.40 -15.68 16.45
C THR A 271 10.48 -16.36 15.58
N SER A 272 10.24 -17.62 15.20
N SER A 272 10.27 -17.61 15.19
CA SER A 272 11.18 -18.39 14.38
CA SER A 272 11.25 -18.29 14.33
C SER A 272 10.74 -18.60 12.94
C SER A 272 10.72 -18.63 12.94
N PHE A 273 9.56 -18.12 12.58
CA PHE A 273 8.97 -18.43 11.28
C PHE A 273 9.61 -17.66 10.13
N TYR A 274 9.86 -16.38 10.34
CA TYR A 274 10.19 -15.47 9.24
C TYR A 274 11.29 -14.53 9.68
N GLY A 275 12.44 -14.63 9.01
CA GLY A 275 13.55 -13.76 9.36
C GLY A 275 14.79 -14.12 8.59
N PRO A 276 15.86 -13.37 8.83
CA PRO A 276 17.04 -13.49 7.98
C PRO A 276 17.95 -14.64 8.38
N GLY A 277 18.18 -15.55 7.44
CA GLY A 277 19.09 -16.64 7.66
C GLY A 277 18.40 -17.97 7.86
N SER A 278 19.22 -19.00 7.93
CA SER A 278 18.71 -20.37 7.93
C SER A 278 18.12 -20.80 9.27
N SER A 279 18.21 -19.97 10.31
CA SER A 279 17.58 -20.28 11.58
C SER A 279 16.07 -20.00 11.58
N PHE A 280 15.54 -19.47 10.48
CA PHE A 280 14.12 -19.22 10.35
C PHE A 280 13.47 -20.18 9.38
N THR A 281 12.17 -20.45 9.58
CA THR A 281 11.44 -21.34 8.66
C THR A 281 11.53 -20.84 7.21
N LEU A 282 11.24 -19.55 7.06
CA LEU A 282 11.38 -18.80 5.82
C LEU A 282 12.55 -17.85 6.01
N ASP A 283 13.55 -18.00 5.14
CA ASP A 283 14.81 -17.26 5.21
C ASP A 283 14.67 -16.01 4.32
N THR A 284 14.59 -14.86 4.97
CA THR A 284 14.31 -13.61 4.27
C THR A 284 15.52 -13.04 3.51
N THR A 285 16.67 -13.71 3.58
CA THR A 285 17.77 -13.40 2.66
C THR A 285 17.54 -13.93 1.26
N LYS A 286 16.51 -14.78 1.09
CA LYS A 286 16.23 -15.37 -0.21
CA LYS A 286 16.22 -15.41 -0.20
C LYS A 286 14.79 -15.10 -0.63
N LYS A 287 14.56 -15.19 -1.93
CA LYS A 287 13.24 -15.00 -2.50
C LYS A 287 12.28 -16.01 -1.91
N LEU A 288 11.02 -15.58 -1.74
CA LEU A 288 9.98 -16.46 -1.26
C LEU A 288 8.67 -16.20 -2.01
N THR A 289 7.81 -17.21 -2.01
CA THR A 289 6.52 -17.13 -2.67
C THR A 289 5.44 -17.02 -1.60
N VAL A 290 4.50 -16.11 -1.81
CA VAL A 290 3.43 -15.82 -0.86
C VAL A 290 2.08 -15.95 -1.56
N VAL A 291 1.22 -16.84 -1.07
CA VAL A 291 -0.08 -17.09 -1.69
C VAL A 291 -1.20 -16.78 -0.71
N THR A 292 -2.22 -16.07 -1.19
CA THR A 292 -3.28 -15.55 -0.31
C THR A 292 -4.60 -15.87 -0.98
N GLN A 293 -5.49 -16.55 -0.26
CA GLN A 293 -6.71 -17.14 -0.80
C GLN A 293 -7.92 -16.57 -0.09
N PHE A 294 -8.94 -16.19 -0.86
CA PHE A 294 -10.12 -15.50 -0.34
C PHE A 294 -11.33 -16.38 -0.52
N GLU A 295 -11.55 -17.28 0.44
CA GLU A 295 -12.66 -18.22 0.31
C GLU A 295 -14.00 -17.46 0.42
N THR A 296 -15.05 -18.02 -0.18
CA THR A 296 -16.32 -17.28 -0.24
C THR A 296 -16.99 -17.03 1.11
N SER A 297 -16.61 -17.77 2.15
CA SER A 297 -17.06 -17.45 3.53
C SER A 297 -16.64 -16.07 4.02
N GLY A 298 -15.60 -15.49 3.41
CA GLY A 298 -15.04 -14.22 3.86
C GLY A 298 -13.75 -14.36 4.65
N ALA A 299 -13.35 -15.60 4.93
CA ALA A 299 -12.10 -15.86 5.63
C ALA A 299 -10.95 -15.84 4.62
N ILE A 300 -9.75 -15.68 5.15
CA ILE A 300 -8.56 -15.58 4.33
C ILE A 300 -7.54 -16.63 4.75
N ASN A 301 -7.07 -17.39 3.77
CA ASN A 301 -6.05 -18.40 4.00
C ASN A 301 -4.75 -18.00 3.32
N ARG A 302 -3.66 -18.55 3.84
CA ARG A 302 -2.32 -18.14 3.44
C ARG A 302 -1.38 -19.33 3.50
N TYR A 303 -0.57 -19.47 2.45
CA TYR A 303 0.60 -20.34 2.53
C TYR A 303 1.77 -19.73 1.78
N TYR A 304 2.96 -20.27 2.08
CA TYR A 304 4.20 -19.75 1.56
C TYR A 304 4.98 -20.89 0.93
N VAL A 305 5.83 -20.55 -0.04
CA VAL A 305 6.71 -21.56 -0.63
C VAL A 305 8.14 -21.01 -0.70
N GLN A 306 9.10 -21.81 -0.28
CA GLN A 306 10.51 -21.44 -0.44
C GLN A 306 11.30 -22.72 -0.65
N ASP A 307 12.18 -22.69 -1.64
CA ASP A 307 12.92 -23.88 -2.08
C ASP A 307 12.01 -25.05 -2.40
N GLY A 308 10.82 -24.75 -2.90
CA GLY A 308 9.85 -25.80 -3.23
C GLY A 308 9.17 -26.47 -2.03
N VAL A 309 9.42 -25.96 -0.82
CA VAL A 309 8.79 -26.51 0.39
C VAL A 309 7.67 -25.54 0.77
N THR A 310 6.53 -26.11 1.12
CA THR A 310 5.33 -25.36 1.40
C THR A 310 5.05 -25.24 2.91
N PHE A 311 4.66 -24.05 3.34
CA PHE A 311 4.28 -23.82 4.74
C PHE A 311 2.96 -23.06 4.77
N GLN A 312 1.94 -23.64 5.40
CA GLN A 312 0.73 -22.88 5.71
C GLN A 312 1.14 -21.77 6.67
N GLN A 313 0.36 -20.69 6.69
CA GLN A 313 0.40 -19.74 7.78
C GLN A 313 0.55 -20.50 9.11
N PRO A 314 1.54 -20.12 9.95
CA PRO A 314 1.66 -20.90 11.18
C PRO A 314 0.45 -20.81 12.09
N ASN A 315 0.15 -21.92 12.76
CA ASN A 315 -0.95 -21.89 13.73
CA ASN A 315 -0.91 -21.97 13.76
C ASN A 315 -0.69 -20.91 14.84
N ALA A 316 -1.77 -20.29 15.30
CA ALA A 316 -1.75 -19.37 16.42
C ALA A 316 -2.85 -19.77 17.37
N GLU A 317 -2.60 -19.54 18.65
CA GLU A 317 -3.59 -19.74 19.71
C GLU A 317 -3.72 -18.40 20.41
N LEU A 318 -4.92 -17.86 20.43
CA LEU A 318 -5.14 -16.52 20.95
C LEU A 318 -6.51 -16.54 21.58
N GLY A 319 -6.57 -16.41 22.90
CA GLY A 319 -7.84 -16.59 23.61
C GLY A 319 -8.44 -17.97 23.29
N SER A 320 -9.69 -18.00 22.86
CA SER A 320 -10.33 -19.26 22.47
C SER A 320 -10.12 -19.63 20.98
N TYR A 321 -9.42 -18.79 20.24
CA TYR A 321 -9.10 -19.09 18.84
C TYR A 321 -7.90 -20.01 18.75
N SER A 322 -7.97 -20.94 17.81
CA SER A 322 -6.84 -21.76 17.46
C SER A 322 -6.93 -22.14 15.99
N GLY A 323 -5.87 -21.89 15.25
CA GLY A 323 -5.91 -22.19 13.81
C GLY A 323 -4.94 -21.31 13.03
N ASN A 324 -5.04 -21.41 11.71
CA ASN A 324 -4.24 -20.55 10.84
C ASN A 324 -5.05 -19.85 9.76
N GLU A 325 -6.37 -19.90 9.87
CA GLU A 325 -7.25 -19.17 8.96
C GLU A 325 -7.63 -17.84 9.59
N LEU A 326 -7.55 -16.77 8.80
CA LEU A 326 -7.96 -15.44 9.25
C LEU A 326 -9.47 -15.35 9.08
N ASN A 327 -10.19 -15.54 10.18
CA ASN A 327 -11.65 -15.60 10.13
C ASN A 327 -12.25 -14.77 11.28
N ASP A 328 -13.57 -14.74 11.37
CA ASP A 328 -14.23 -13.92 12.42
C ASP A 328 -13.70 -14.29 13.79
N ASP A 329 -13.54 -15.58 14.06
CA ASP A 329 -13.09 -16.02 15.36
C ASP A 329 -11.69 -15.48 15.69
N TYR A 330 -10.79 -15.49 14.71
CA TYR A 330 -9.47 -14.90 14.90
C TYR A 330 -9.60 -13.41 15.21
N CYS A 331 -10.35 -12.69 14.40
CA CYS A 331 -10.40 -11.24 14.53
C CYS A 331 -11.01 -10.81 15.87
N THR A 332 -12.04 -11.52 16.33
N THR A 332 -12.05 -11.54 16.28
CA THR A 332 -12.63 -11.16 17.64
CA THR A 332 -12.70 -11.30 17.58
C THR A 332 -11.75 -11.59 18.81
C THR A 332 -11.72 -11.57 18.73
N ALA A 333 -11.04 -12.71 18.67
CA ALA A 333 -10.04 -13.09 19.68
C ALA A 333 -8.92 -12.05 19.75
N GLU A 334 -8.46 -11.57 18.60
CA GLU A 334 -7.42 -10.57 18.56
C GLU A 334 -7.85 -9.29 19.31
N GLU A 335 -9.06 -8.80 19.04
CA GLU A 335 -9.55 -7.61 19.76
C GLU A 335 -9.61 -7.90 21.26
N ALA A 336 -10.06 -9.11 21.62
CA ALA A 336 -10.21 -9.43 23.05
C ALA A 336 -8.85 -9.47 23.75
N GLU A 337 -7.85 -10.01 23.08
CA GLU A 337 -6.55 -10.25 23.69
C GLU A 337 -5.60 -9.08 23.55
N PHE A 338 -5.57 -8.45 22.39
CA PHE A 338 -4.66 -7.32 22.16
C PHE A 338 -5.32 -5.95 22.45
N GLY A 339 -6.63 -5.88 22.37
CA GLY A 339 -7.34 -4.65 22.61
C GLY A 339 -7.79 -4.00 21.32
N GLY A 340 -8.65 -3.01 21.46
CA GLY A 340 -9.17 -2.25 20.34
C GLY A 340 -10.50 -2.77 19.85
N SER A 341 -11.24 -1.91 19.16
CA SER A 341 -12.53 -2.28 18.58
C SER A 341 -12.73 -1.75 17.16
N SER A 342 -11.70 -1.17 16.55
CA SER A 342 -11.84 -0.52 15.23
C SER A 342 -12.37 -1.47 14.16
N PHE A 343 -11.75 -2.63 14.05
CA PHE A 343 -12.11 -3.60 13.01
C PHE A 343 -13.57 -4.03 13.13
N SER A 344 -13.99 -4.42 14.32
N SER A 344 -13.98 -4.43 14.33
CA SER A 344 -15.39 -4.82 14.51
CA SER A 344 -15.37 -4.83 14.54
C SER A 344 -16.33 -3.62 14.40
C SER A 344 -16.33 -3.62 14.41
N ASP A 345 -15.90 -2.46 14.89
CA ASP A 345 -16.72 -1.22 14.80
C ASP A 345 -17.06 -0.88 13.34
N LYS A 346 -16.11 -1.11 12.43
N LYS A 346 -16.13 -1.13 12.44
CA LYS A 346 -16.34 -0.83 11.01
CA LYS A 346 -16.33 -0.82 11.03
C LYS A 346 -16.95 -1.98 10.23
C LYS A 346 -16.88 -2.01 10.23
N GLY A 347 -17.27 -3.09 10.93
CA GLY A 347 -18.07 -4.17 10.32
C GLY A 347 -17.36 -5.48 10.04
N GLY A 348 -16.10 -5.54 10.45
CA GLY A 348 -15.33 -6.78 10.38
C GLY A 348 -15.19 -7.41 9.00
N LEU A 349 -15.01 -8.73 9.01
CA LEU A 349 -14.85 -9.46 7.76
C LEU A 349 -16.11 -9.43 6.91
N THR A 350 -17.28 -9.29 7.54
CA THR A 350 -18.51 -9.17 6.76
C THR A 350 -18.52 -7.92 5.91
N GLN A 351 -18.09 -6.81 6.49
CA GLN A 351 -18.02 -5.56 5.73
C GLN A 351 -16.88 -5.63 4.71
N PHE A 352 -15.79 -6.26 5.11
CA PHE A 352 -14.65 -6.38 4.22
C PHE A 352 -14.98 -7.22 2.98
N LYS A 353 -15.80 -8.25 3.14
CA LYS A 353 -16.20 -9.09 2.01
CA LYS A 353 -16.23 -9.10 2.03
C LYS A 353 -16.93 -8.29 0.94
N LYS A 354 -17.55 -7.16 1.33
CA LYS A 354 -18.19 -6.30 0.35
C LYS A 354 -17.18 -5.67 -0.62
N ALA A 355 -15.95 -5.50 -0.16
CA ALA A 355 -14.86 -4.96 -0.98
C ALA A 355 -14.28 -6.03 -1.90
N THR A 356 -14.01 -7.19 -1.35
CA THR A 356 -13.42 -8.28 -2.15
C THR A 356 -14.40 -8.87 -3.16
N SER A 357 -15.70 -8.64 -2.97
CA SER A 357 -16.74 -9.07 -3.91
CA SER A 357 -16.67 -9.13 -3.95
C SER A 357 -16.76 -8.20 -5.17
N GLY A 358 -16.19 -7.01 -5.05
CA GLY A 358 -16.09 -6.06 -6.14
C GLY A 358 -14.67 -5.98 -6.65
N GLY A 359 -14.40 -4.97 -7.48
CA GLY A 359 -13.06 -4.81 -8.04
C GLY A 359 -12.17 -4.02 -7.10
N MET A 360 -10.89 -4.38 -7.08
CA MET A 360 -9.88 -3.62 -6.34
C MET A 360 -8.62 -3.52 -7.20
N VAL A 361 -7.89 -2.44 -6.97
CA VAL A 361 -6.64 -2.13 -7.70
C VAL A 361 -5.42 -2.59 -6.91
N LEU A 362 -4.47 -3.19 -7.62
CA LEU A 362 -3.19 -3.65 -7.04
C LEU A 362 -2.21 -2.51 -6.89
N VAL A 363 -1.71 -2.34 -5.66
CA VAL A 363 -0.73 -1.34 -5.31
C VAL A 363 0.54 -2.06 -4.86
N MET A 364 1.68 -1.55 -5.32
CA MET A 364 2.98 -1.98 -4.84
C MET A 364 3.80 -0.75 -4.47
N SER A 365 4.42 -0.79 -3.30
CA SER A 365 5.11 0.39 -2.79
C SER A 365 6.29 0.05 -1.92
N LEU A 366 7.11 1.08 -1.69
CA LEU A 366 8.17 1.03 -0.72
C LEU A 366 8.15 2.35 0.01
N TRP A 367 8.08 2.28 1.33
CA TRP A 367 8.08 3.46 2.16
C TRP A 367 8.83 3.31 3.47
N ASP A 368 9.26 4.45 4.01
CA ASP A 368 9.60 4.56 5.44
C ASP A 368 8.55 5.40 6.11
N ASP A 369 8.57 5.44 7.44
CA ASP A 369 7.40 5.86 8.23
C ASP A 369 7.75 7.08 9.05
N TYR A 370 7.33 8.25 8.55
CA TYR A 370 7.59 9.53 9.20
C TYR A 370 6.68 9.80 10.39
N TYR A 371 5.81 8.86 10.73
CA TYR A 371 4.90 9.00 11.88
C TYR A 371 5.19 8.06 13.04
N ALA A 372 5.52 6.82 12.75
CA ALA A 372 5.77 5.83 13.80
C ALA A 372 6.96 4.94 13.55
N ASN A 373 7.84 5.33 12.62
CA ASN A 373 9.12 4.61 12.40
C ASN A 373 9.00 3.09 12.08
N MET A 374 7.82 2.68 11.60
CA MET A 374 7.51 1.29 11.24
C MET A 374 7.55 0.34 12.44
N LEU A 375 7.50 0.91 13.65
CA LEU A 375 7.65 0.11 14.86
C LEU A 375 6.49 -0.84 15.07
N TRP A 376 5.31 -0.42 14.63
CA TRP A 376 4.11 -1.26 14.63
C TRP A 376 4.29 -2.58 13.84
N LEU A 377 5.20 -2.57 12.85
CA LEU A 377 5.46 -3.74 12.03
C LEU A 377 6.53 -4.64 12.61
N ASP A 378 7.65 -4.06 13.04
CA ASP A 378 8.86 -4.82 13.29
C ASP A 378 9.51 -4.65 14.66
N SER A 379 8.84 -3.97 15.59
CA SER A 379 9.45 -3.70 16.88
C SER A 379 8.43 -3.93 17.98
N THR A 380 8.71 -3.34 19.15
CA THR A 380 7.76 -3.34 20.25
C THR A 380 7.00 -2.02 20.21
N TYR A 381 5.66 -2.09 20.22
CA TYR A 381 4.86 -0.90 20.03
C TYR A 381 3.54 -1.00 20.83
N PRO A 382 3.20 -0.03 21.68
CA PRO A 382 4.03 1.15 21.96
CA PRO A 382 4.03 1.15 21.94
C PRO A 382 5.36 0.78 22.61
N THR A 383 6.34 1.68 22.51
CA THR A 383 7.71 1.35 22.86
C THR A 383 7.97 1.29 24.36
N ASN A 384 7.02 1.74 25.17
CA ASN A 384 7.11 1.59 26.61
C ASN A 384 6.59 0.25 27.12
N GLU A 385 6.05 -0.59 26.23
CA GLU A 385 5.55 -1.92 26.64
C GLU A 385 6.62 -3.00 26.57
N THR A 386 6.30 -4.17 27.10
CA THR A 386 7.20 -5.31 27.05
C THR A 386 6.48 -6.51 26.50
N SER A 387 7.23 -7.60 26.33
CA SER A 387 6.68 -8.90 25.93
C SER A 387 5.54 -9.38 26.81
N SER A 388 5.41 -8.86 28.03
CA SER A 388 4.30 -9.27 28.88
C SER A 388 2.96 -8.62 28.50
N THR A 389 2.97 -7.59 27.66
CA THR A 389 1.75 -6.99 27.14
C THR A 389 1.39 -7.76 25.87
N PRO A 390 0.20 -8.39 25.84
CA PRO A 390 -0.12 -9.19 24.67
C PRO A 390 -0.11 -8.37 23.38
N GLY A 391 0.62 -8.85 22.39
CA GLY A 391 0.62 -8.20 21.08
C GLY A 391 1.54 -7.01 20.95
N ALA A 392 2.23 -6.64 22.03
CA ALA A 392 3.09 -5.45 21.94
C ALA A 392 4.30 -5.70 21.06
N VAL A 393 4.88 -6.89 21.13
CA VAL A 393 6.10 -7.19 20.37
C VAL A 393 5.75 -7.78 19.01
N ARG A 394 6.09 -7.03 17.96
CA ARG A 394 5.76 -7.38 16.57
C ARG A 394 6.98 -7.85 15.73
N GLY A 395 8.18 -7.63 16.25
CA GLY A 395 9.40 -8.02 15.59
C GLY A 395 10.58 -7.74 16.50
N SER A 396 11.78 -8.02 16.01
CA SER A 396 12.99 -7.98 16.82
C SER A 396 13.78 -6.68 16.67
N CYS A 397 13.28 -5.75 15.85
CA CYS A 397 13.97 -4.49 15.66
C CYS A 397 13.93 -3.68 16.94
N SER A 398 15.02 -2.95 17.20
CA SER A 398 15.07 -2.04 18.32
C SER A 398 13.95 -1.02 18.24
N THR A 399 13.41 -0.62 19.38
CA THR A 399 12.45 0.49 19.42
C THR A 399 13.04 1.85 18.97
N SER A 400 14.36 1.90 18.82
CA SER A 400 15.05 3.07 18.26
C SER A 400 15.17 3.05 16.75
N SER A 401 14.75 1.96 16.11
CA SER A 401 14.96 1.76 14.68
C SER A 401 13.98 2.57 13.83
N GLY A 402 14.33 2.72 12.56
CA GLY A 402 13.38 3.25 11.58
C GLY A 402 13.23 4.75 11.53
N VAL A 403 14.15 5.50 12.14
CA VAL A 403 14.08 6.96 11.97
C VAL A 403 14.30 7.26 10.49
N PRO A 404 13.33 7.93 9.82
CA PRO A 404 13.49 8.10 8.37
C PRO A 404 14.81 8.71 7.93
N ALA A 405 15.23 9.81 8.54
CA ALA A 405 16.48 10.43 8.13
C ALA A 405 17.66 9.48 8.28
N GLN A 406 17.62 8.65 9.32
CA GLN A 406 18.71 7.73 9.58
C GLN A 406 18.75 6.59 8.59
N VAL A 407 17.61 5.93 8.37
N VAL A 407 17.62 5.92 8.37
CA VAL A 407 17.58 4.81 7.44
CA VAL A 407 17.63 4.81 7.43
C VAL A 407 17.82 5.29 6.01
C VAL A 407 17.84 5.29 5.99
N GLU A 408 17.36 6.49 5.67
CA GLU A 408 17.64 7.08 4.35
C GLU A 408 19.15 7.33 4.16
N SER A 409 19.82 7.74 5.23
CA SER A 409 21.25 8.00 5.18
C SER A 409 22.09 6.73 5.16
N GLN A 410 21.69 5.76 5.98
CA GLN A 410 22.43 4.51 6.16
C GLN A 410 22.15 3.44 5.11
N SER A 411 20.92 3.41 4.60
CA SER A 411 20.46 2.33 3.71
C SER A 411 19.78 2.85 2.44
N PRO A 412 20.39 3.85 1.78
CA PRO A 412 19.73 4.44 0.61
C PRO A 412 19.47 3.45 -0.52
N ASN A 413 20.32 2.42 -0.63
CA ASN A 413 20.20 1.46 -1.71
C ASN A 413 19.36 0.24 -1.36
N ALA A 414 18.64 0.31 -0.24
CA ALA A 414 17.61 -0.67 0.07
C ALA A 414 16.64 -0.74 -1.10
N LYS A 415 16.00 -1.89 -1.27
CA LYS A 415 15.06 -2.06 -2.35
C LYS A 415 14.18 -3.25 -2.07
N VAL A 416 13.05 -3.32 -2.79
CA VAL A 416 12.19 -4.50 -2.75
C VAL A 416 11.95 -4.90 -4.21
N THR A 417 11.91 -6.21 -4.47
CA THR A 417 11.56 -6.73 -5.76
C THR A 417 10.36 -7.68 -5.63
N PHE A 418 9.28 -7.31 -6.32
CA PHE A 418 8.10 -8.13 -6.43
C PHE A 418 8.11 -8.76 -7.83
N SER A 419 7.81 -10.04 -7.90
CA SER A 419 7.82 -10.72 -9.19
C SER A 419 6.81 -11.86 -9.31
N ASN A 420 6.58 -12.27 -10.55
CA ASN A 420 5.78 -13.45 -10.83
C ASN A 420 4.43 -13.43 -10.16
N ILE A 421 3.69 -12.34 -10.38
CA ILE A 421 2.33 -12.21 -9.91
C ILE A 421 1.46 -13.20 -10.68
N LYS A 422 0.68 -13.98 -9.96
CA LYS A 422 -0.25 -14.92 -10.56
C LYS A 422 -1.58 -14.81 -9.83
N PHE A 423 -2.67 -14.84 -10.59
CA PHE A 423 -4.00 -14.64 -10.04
C PHE A 423 -5.00 -15.57 -10.73
N GLY A 424 -5.88 -16.16 -9.94
CA GLY A 424 -6.98 -16.94 -10.49
C GLY A 424 -7.76 -17.63 -9.41
N PRO A 425 -8.62 -18.59 -9.80
CA PRO A 425 -9.38 -19.32 -8.78
C PRO A 425 -8.48 -19.95 -7.72
N ILE A 426 -9.02 -20.11 -6.53
CA ILE A 426 -8.31 -20.80 -5.46
C ILE A 426 -7.82 -22.15 -6.00
N GLY A 427 -6.58 -22.49 -5.67
CA GLY A 427 -5.96 -23.71 -6.16
C GLY A 427 -5.28 -23.67 -7.52
N SER A 428 -5.33 -22.53 -8.22
CA SER A 428 -4.87 -22.48 -9.60
C SER A 428 -3.48 -21.87 -9.81
N THR A 429 -2.99 -21.07 -8.86
CA THR A 429 -1.83 -20.22 -9.16
C THR A 429 -0.48 -20.92 -9.05
N GLY A 430 -0.46 -22.15 -8.54
CA GLY A 430 0.76 -22.97 -8.53
C GLY A 430 0.95 -23.81 -9.78
N ASN A 431 0.08 -23.62 -10.75
CA ASN A 431 0.13 -24.39 -11.99
C ASN A 431 1.05 -23.74 -13.00
N PRO A 432 1.39 -24.47 -14.07
CA PRO A 432 2.38 -23.94 -15.00
C PRO A 432 1.98 -22.62 -15.63
N SER A 433 2.92 -21.68 -15.64
CA SER A 433 2.72 -20.37 -16.28
C SER A 433 2.66 -20.49 -17.79
N GLY A 434 1.90 -19.60 -18.43
CA GLY A 434 1.80 -19.54 -19.88
C GLY A 434 2.64 -18.40 -20.46
#